data_4GA8
#
_entry.id   4GA8
#
_cell.length_a   89.300
_cell.length_b   89.300
_cell.length_c   78.155
_cell.angle_alpha   90.000
_cell.angle_beta   90.000
_cell.angle_gamma   120.000
#
_symmetry.space_group_name_H-M   'P 61'
#
loop_
_entity.id
_entity.type
_entity.pdbx_description
1 polymer 'Aldo-keto reductase family 1 member B10'
2 non-polymer 'NADP NICOTINAMIDE-ADENINE-DINUCLEOTIDE PHOSPHATE'
3 non-polymer SORBINIL
4 water water
#
_entity_poly.entity_id   1
_entity_poly.type   'polypeptide(L)'
_entity_poly.pdbx_seq_one_letter_code
;MATFVELSTKAKMPIVGLGTWKSPLGKVKEAVKVAIDAGYRHIDCAYVYQNEHEVGEAIQEKIQEKAVKREDLFIVSKLW
PTFFERPLVRKAFEKTLKDLKLSYLDVYLIHWPQGFKSGDDLFPKDDKGNAIGGKATFLDAWEAMEELVDEGLVKALGVS
NFSHFQIEKLLNKPGLKYKPVTNQVECHPYLTQEKLIQYCHSKGITVTAYSPLGSPDRPWAKPEDPSLLEDPKIKEIAAK
HKKTAAQVLIRFHIQRNVIVIPKSVTPARIVENIQVFDFKLSDEEMATILSFNRNWRACNLLQSSHLEDYPFNAEY
;
_entity_poly.pdbx_strand_id   A
#
loop_
_chem_comp.id
_chem_comp.type
_chem_comp.name
_chem_comp.formula
NAP non-polymer 'NADP NICOTINAMIDE-ADENINE-DINUCLEOTIDE PHOSPHATE' 'C21 H28 N7 O17 P3'
SBI non-polymer SORBINIL 'C11 H9 F N2 O3'
#
# COMPACT_ATOMS: atom_id res chain seq x y z
N MET A 1 -12.35 14.34 2.58
CA MET A 1 -12.90 14.54 1.24
C MET A 1 -13.12 13.24 0.51
N ALA A 2 -12.17 12.31 0.68
CA ALA A 2 -12.39 10.95 0.21
C ALA A 2 -13.43 10.29 1.10
N THR A 3 -14.18 9.37 0.50
N THR A 3 -14.21 9.37 0.55
CA THR A 3 -15.05 8.47 1.23
CA THR A 3 -15.07 8.58 1.40
C THR A 3 -14.17 7.59 2.12
C THR A 3 -14.18 7.58 2.15
N PHE A 4 -14.80 6.79 2.96
N PHE A 4 -14.76 6.82 3.08
CA PHE A 4 -14.04 5.93 3.86
CA PHE A 4 -13.96 5.97 3.95
C PHE A 4 -14.33 4.48 3.56
C PHE A 4 -14.40 4.52 3.85
N VAL A 5 -13.44 3.61 4.00
CA VAL A 5 -13.75 2.19 4.12
C VAL A 5 -13.59 1.90 5.62
N GLU A 6 -14.59 1.30 6.23
CA GLU A 6 -14.56 0.97 7.65
C GLU A 6 -13.73 -0.28 7.94
N LEU A 7 -12.77 -0.14 8.84
CA LEU A 7 -11.92 -1.25 9.23
C LEU A 7 -12.59 -2.05 10.34
N SER A 8 -12.08 -3.24 10.60
CA SER A 8 -12.69 -4.10 11.62
C SER A 8 -12.61 -3.47 13.02
N THR A 9 -11.71 -2.49 13.18
CA THR A 9 -11.58 -1.73 14.41
C THR A 9 -12.61 -0.60 14.52
N LYS A 10 -13.41 -0.43 13.47
CA LYS A 10 -14.34 0.69 13.31
C LYS A 10 -13.64 2.01 12.96
N ALA A 11 -12.32 2.01 12.86
CA ALA A 11 -11.64 3.19 12.34
C ALA A 11 -12.01 3.38 10.86
N LYS A 12 -11.95 4.62 10.39
CA LYS A 12 -12.31 4.93 9.01
C LYS A 12 -11.05 5.24 8.18
N MET A 13 -10.82 4.44 7.15
CA MET A 13 -9.64 4.58 6.32
C MET A 13 -10.04 5.29 5.04
N PRO A 14 -9.46 6.47 4.76
CA PRO A 14 -9.85 7.19 3.53
C PRO A 14 -9.58 6.34 2.29
N ILE A 15 -10.55 6.26 1.40
CA ILE A 15 -10.48 5.29 0.31
C ILE A 15 -9.45 5.65 -0.77
N VAL A 16 -9.07 6.92 -0.83
CA VAL A 16 -7.96 7.32 -1.70
C VAL A 16 -6.80 7.85 -0.86
N GLY A 17 -5.59 7.37 -1.16
CA GLY A 17 -4.40 7.81 -0.45
C GLY A 17 -3.27 8.17 -1.40
N LEU A 18 -2.28 8.88 -0.89
CA LEU A 18 -1.11 9.24 -1.70
C LEU A 18 0.03 8.21 -1.58
N GLY A 19 0.45 7.62 -2.70
CA GLY A 19 1.59 6.72 -2.69
C GLY A 19 2.91 7.49 -2.71
N THR A 20 3.93 6.96 -2.06
CA THR A 20 5.20 7.67 -1.95
C THR A 20 6.42 6.87 -2.41
N TRP A 21 6.21 5.68 -2.94
CA TRP A 21 7.34 4.93 -3.51
C TRP A 21 7.87 5.62 -4.78
N LYS A 22 9.19 5.78 -4.85
CA LYS A 22 9.90 6.45 -5.95
C LYS A 22 9.79 7.99 -5.92
N SER A 23 9.09 8.53 -4.93
CA SER A 23 8.98 9.97 -4.81
C SER A 23 10.30 10.48 -4.23
N PRO A 24 11.04 11.26 -5.03
CA PRO A 24 12.42 11.61 -4.64
C PRO A 24 12.48 12.58 -3.48
N LEU A 25 13.56 12.52 -2.70
CA LEU A 25 13.86 13.61 -1.79
C LEU A 25 13.95 14.91 -2.60
N GLY A 26 13.35 15.97 -2.11
CA GLY A 26 13.35 17.23 -2.83
C GLY A 26 12.09 17.44 -3.65
N LYS A 27 11.25 16.42 -3.74
CA LYS A 27 9.93 16.53 -4.38
C LYS A 27 8.79 16.00 -3.48
N VAL A 28 9.08 15.02 -2.65
CA VAL A 28 8.02 14.34 -1.90
C VAL A 28 7.39 15.24 -0.84
N LYS A 29 8.18 16.11 -0.22
CA LYS A 29 7.64 17.04 0.76
C LYS A 29 6.55 17.91 0.13
N GLU A 30 6.86 18.50 -1.02
CA GLU A 30 5.88 19.33 -1.70
C GLU A 30 4.69 18.51 -2.19
N ALA A 31 4.95 17.28 -2.62
CA ALA A 31 3.86 16.41 -3.07
C ALA A 31 2.83 16.18 -1.95
N VAL A 32 3.33 15.90 -0.75
CA VAL A 32 2.47 15.68 0.40
C VAL A 32 1.73 16.96 0.80
N LYS A 33 2.43 18.10 0.76
CA LYS A 33 1.77 19.39 1.02
C LYS A 33 0.64 19.65 0.05
N VAL A 34 0.93 19.49 -1.24
CA VAL A 34 -0.07 19.66 -2.29
C VAL A 34 -1.25 18.70 -2.09
N ALA A 35 -0.94 17.45 -1.77
CA ALA A 35 -1.97 16.46 -1.54
C ALA A 35 -2.90 16.87 -0.40
N ILE A 36 -2.30 17.25 0.73
CA ILE A 36 -3.09 17.66 1.89
C ILE A 36 -4.00 18.84 1.54
N ASP A 37 -3.45 19.83 0.84
CA ASP A 37 -4.25 20.99 0.38
C ASP A 37 -5.40 20.54 -0.51
N ALA A 38 -5.19 19.50 -1.30
CA ALA A 38 -6.21 19.04 -2.22
C ALA A 38 -7.24 18.15 -1.52
N GLY A 39 -7.00 17.82 -0.26
CA GLY A 39 -7.96 17.04 0.51
C GLY A 39 -7.60 15.58 0.77
N TYR A 40 -6.43 15.13 0.33
CA TYR A 40 -5.97 13.79 0.73
C TYR A 40 -5.75 13.80 2.24
N ARG A 41 -6.08 12.68 2.88
CA ARG A 41 -5.83 12.56 4.32
C ARG A 41 -5.05 11.26 4.61
N HIS A 42 -5.05 10.37 3.64
CA HIS A 42 -4.36 9.08 3.74
C HIS A 42 -3.06 9.17 2.94
N ILE A 43 -1.92 8.95 3.61
CA ILE A 43 -0.63 8.89 2.96
C ILE A 43 -0.01 7.50 3.17
N ASP A 44 0.44 6.87 2.09
CA ASP A 44 1.11 5.57 2.17
C ASP A 44 2.61 5.69 2.12
N CYS A 45 3.28 5.22 3.18
CA CYS A 45 4.72 5.38 3.35
C CYS A 45 5.40 4.04 3.57
N ALA A 46 6.73 4.04 3.57
CA ALA A 46 7.50 2.86 4.00
C ALA A 46 8.92 3.21 4.36
N TYR A 47 9.48 2.48 5.34
CA TYR A 47 10.88 2.58 5.69
C TYR A 47 11.74 2.44 4.44
N VAL A 48 11.43 1.45 3.63
CA VAL A 48 12.28 1.15 2.47
C VAL A 48 12.27 2.23 1.39
N TYR A 49 11.27 3.13 1.42
CA TYR A 49 11.21 4.21 0.41
C TYR A 49 12.25 5.30 0.70
N GLN A 50 12.76 5.29 1.92
CA GLN A 50 13.89 6.14 2.32
C GLN A 50 13.60 7.62 2.17
N ASN A 51 12.33 7.98 2.32
CA ASN A 51 11.89 9.36 2.20
C ASN A 51 10.90 9.78 3.29
N GLU A 52 10.73 8.94 4.33
CA GLU A 52 9.73 9.23 5.36
C GLU A 52 9.98 10.54 6.13
N HIS A 53 11.24 10.93 6.27
CA HIS A 53 11.54 12.17 6.97
C HIS A 53 10.96 13.40 6.24
N GLU A 54 11.02 13.41 4.92
CA GLU A 54 10.45 14.53 4.17
C GLU A 54 8.92 14.52 4.23
N VAL A 55 8.34 13.32 4.18
CA VAL A 55 6.92 13.17 4.42
C VAL A 55 6.55 13.75 5.80
N GLY A 56 7.36 13.45 6.80
CA GLY A 56 7.10 13.92 8.15
C GLY A 56 7.16 15.44 8.24
N GLU A 57 8.10 16.04 7.52
CA GLU A 57 8.24 17.49 7.48
C GLU A 57 6.98 18.13 6.92
N ALA A 58 6.44 17.56 5.85
CA ALA A 58 5.25 18.10 5.22
C ALA A 58 4.05 18.02 6.15
N ILE A 59 3.88 16.88 6.80
CA ILE A 59 2.73 16.69 7.68
C ILE A 59 2.83 17.68 8.85
N GLN A 60 4.01 17.76 9.43
CA GLN A 60 4.24 18.61 10.60
C GLN A 60 3.90 20.06 10.27
N GLU A 61 4.39 20.53 9.13
CA GLU A 61 4.14 21.90 8.74
C GLU A 61 2.67 22.15 8.49
N LYS A 62 2.00 21.20 7.83
CA LYS A 62 0.60 21.41 7.52
C LYS A 62 -0.25 21.41 8.78
N ILE A 63 0.15 20.60 9.76
CA ILE A 63 -0.53 20.59 11.04
C ILE A 63 -0.32 21.92 11.78
N GLN A 64 0.94 22.36 11.78
N GLN A 64 0.92 22.37 11.83
CA GLN A 64 1.36 23.56 12.48
CA GLN A 64 1.21 23.60 12.56
C GLN A 64 0.68 24.80 11.91
C GLN A 64 0.56 24.82 11.91
N GLU A 65 0.36 24.75 10.62
N GLU A 65 0.43 24.80 10.60
CA GLU A 65 -0.26 25.88 9.94
CA GLU A 65 -0.24 25.89 9.90
C GLU A 65 -1.77 25.73 9.94
C GLU A 65 -1.77 25.74 9.95
N LYS A 66 -2.23 24.71 10.66
CA LYS A 66 -3.66 24.45 10.86
C LYS A 66 -4.45 24.12 9.59
N ALA A 67 -3.75 23.59 8.59
CA ALA A 67 -4.39 23.11 7.38
C ALA A 67 -5.11 21.78 7.64
N VAL A 68 -4.64 21.04 8.63
CA VAL A 68 -5.20 19.73 8.96
C VAL A 68 -4.93 19.38 10.42
N LYS A 69 -5.79 18.55 11.01
CA LYS A 69 -5.53 17.98 12.34
C LYS A 69 -5.01 16.54 12.21
N ARG A 70 -4.12 16.15 13.12
CA ARG A 70 -3.56 14.79 13.14
C ARG A 70 -4.65 13.73 13.10
N GLU A 71 -5.74 13.97 13.83
CA GLU A 71 -6.84 13.02 13.94
C GLU A 71 -7.52 12.74 12.60
N ASP A 72 -7.40 13.68 11.65
CA ASP A 72 -8.05 13.51 10.35
C ASP A 72 -7.07 12.95 9.31
N LEU A 73 -5.80 12.80 9.69
CA LEU A 73 -4.84 12.16 8.81
C LEU A 73 -4.80 10.65 9.09
N PHE A 74 -4.38 9.89 8.08
CA PHE A 74 -4.35 8.44 8.19
C PHE A 74 -3.04 8.03 7.57
N ILE A 75 -2.06 7.79 8.43
CA ILE A 75 -0.71 7.55 7.97
C ILE A 75 -0.39 6.07 8.12
N VAL A 76 0.07 5.48 7.02
CA VAL A 76 0.39 4.05 6.99
C VAL A 76 1.87 3.89 6.70
N SER A 77 2.53 3.03 7.46
CA SER A 77 3.89 2.65 7.08
C SER A 77 4.04 1.14 7.15
N LYS A 78 5.25 0.66 6.87
CA LYS A 78 5.47 -0.76 6.65
C LYS A 78 6.79 -1.24 7.23
N LEU A 79 6.78 -2.45 7.78
CA LEU A 79 7.99 -3.06 8.29
C LEU A 79 8.66 -3.88 7.19
N TRP A 80 9.89 -3.48 6.82
CA TRP A 80 10.67 -4.17 5.80
C TRP A 80 11.20 -5.53 6.31
N PRO A 81 11.23 -6.55 5.44
CA PRO A 81 11.51 -7.92 5.92
C PRO A 81 12.91 -8.23 6.41
N THR A 82 13.84 -7.27 6.37
CA THR A 82 15.12 -7.50 7.02
C THR A 82 15.02 -7.23 8.51
N PHE A 83 13.84 -6.84 8.98
CA PHE A 83 13.68 -6.40 10.37
C PHE A 83 12.67 -7.22 11.17
N PHE A 84 12.57 -8.51 10.87
CA PHE A 84 11.57 -9.38 11.51
C PHE A 84 11.94 -9.83 12.94
N GLU A 85 13.24 -9.81 13.26
CA GLU A 85 13.70 -10.15 14.62
C GLU A 85 13.19 -9.12 15.62
N ARG A 86 12.85 -9.57 16.83
N ARG A 86 12.84 -9.58 16.83
CA ARG A 86 12.11 -8.75 17.79
CA ARG A 86 12.13 -8.76 17.82
C ARG A 86 12.71 -7.37 18.12
C ARG A 86 12.71 -7.38 18.10
N PRO A 87 14.01 -7.30 18.45
CA PRO A 87 14.56 -5.96 18.71
C PRO A 87 14.55 -5.09 17.45
N LEU A 88 14.67 -5.71 16.28
CA LEU A 88 14.71 -4.97 15.03
C LEU A 88 13.34 -4.41 14.63
N VAL A 89 12.28 -5.14 14.93
CA VAL A 89 10.93 -4.64 14.70
C VAL A 89 10.75 -3.28 15.38
N ARG A 90 11.08 -3.23 16.67
CA ARG A 90 10.96 -1.99 17.43
C ARG A 90 11.88 -0.88 16.90
N LYS A 91 13.12 -1.22 16.58
CA LYS A 91 14.07 -0.21 16.08
C LYS A 91 13.66 0.33 14.72
N ALA A 92 13.21 -0.56 13.84
CA ALA A 92 12.70 -0.14 12.53
C ALA A 92 11.49 0.77 12.72
N PHE A 93 10.54 0.33 13.54
CA PHE A 93 9.34 1.12 13.79
C PHE A 93 9.68 2.49 14.36
N GLU A 94 10.61 2.51 15.30
CA GLU A 94 10.97 3.75 15.95
C GLU A 94 11.62 4.73 15.00
N LYS A 95 12.42 4.22 14.06
N LYS A 95 12.41 4.20 14.06
CA LYS A 95 13.01 5.10 13.05
CA LYS A 95 13.04 5.01 13.03
C LYS A 95 11.92 5.66 12.14
C LYS A 95 11.98 5.61 12.09
N THR A 96 10.98 4.80 11.76
CA THR A 96 9.86 5.24 10.94
C THR A 96 9.04 6.33 11.63
N LEU A 97 8.66 6.09 12.87
CA LEU A 97 7.84 7.05 13.62
C LEU A 97 8.60 8.36 13.86
N LYS A 98 9.89 8.25 14.14
CA LYS A 98 10.71 9.44 14.30
C LYS A 98 10.81 10.25 13.00
N ASP A 99 11.15 9.57 11.90
CA ASP A 99 11.23 10.21 10.59
C ASP A 99 9.92 10.91 10.25
N LEU A 100 8.82 10.23 10.49
CA LEU A 100 7.51 10.80 10.22
C LEU A 100 7.10 11.88 11.22
N LYS A 101 7.85 12.01 12.32
CA LYS A 101 7.55 13.03 13.35
C LYS A 101 6.14 12.89 13.92
N LEU A 102 5.71 11.65 14.09
CA LEU A 102 4.39 11.35 14.63
C LEU A 102 4.52 10.75 16.03
N SER A 103 3.40 10.74 16.75
CA SER A 103 3.37 10.09 18.05
C SER A 103 2.69 8.72 17.92
N TYR A 104 2.04 8.50 16.79
CA TYR A 104 1.42 7.21 16.51
C TYR A 104 1.19 7.03 15.01
N LEU A 105 1.16 5.77 14.57
N LEU A 105 1.04 5.78 14.61
CA LEU A 105 0.77 5.45 13.20
CA LEU A 105 0.79 5.41 13.23
C LEU A 105 -0.66 4.94 13.18
C LEU A 105 -0.61 4.79 13.11
N ASP A 106 -1.36 5.17 12.07
CA ASP A 106 -2.71 4.63 11.92
C ASP A 106 -2.71 3.15 11.56
N VAL A 107 -1.80 2.75 10.67
CA VAL A 107 -1.63 1.34 10.33
C VAL A 107 -0.16 1.04 10.08
N TYR A 108 0.33 -0.06 10.66
CA TYR A 108 1.68 -0.55 10.37
C TYR A 108 1.56 -1.91 9.70
N LEU A 109 2.17 -2.06 8.53
CA LEU A 109 2.01 -3.26 7.72
C LEU A 109 3.27 -4.09 7.69
N ILE A 110 3.12 -5.41 7.64
N ILE A 110 3.12 -5.41 7.60
CA ILE A 110 4.22 -6.23 7.21
CA ILE A 110 4.21 -6.26 7.18
C ILE A 110 4.33 -6.01 5.69
C ILE A 110 4.34 -6.05 5.67
N HIS A 111 5.49 -5.53 5.26
CA HIS A 111 5.67 -5.08 3.87
C HIS A 111 5.69 -6.25 2.88
N TRP A 112 6.40 -7.32 3.25
CA TRP A 112 6.41 -8.56 2.46
C TRP A 112 6.45 -9.73 3.44
N PRO A 113 5.83 -10.87 3.09
CA PRO A 113 5.80 -12.00 4.04
C PRO A 113 7.13 -12.77 4.14
N GLN A 114 7.88 -12.86 3.05
CA GLN A 114 9.15 -13.59 3.07
C GLN A 114 10.22 -12.79 3.82
N GLY A 115 10.83 -13.40 4.84
CA GLY A 115 11.85 -12.72 5.63
C GLY A 115 13.17 -12.62 4.87
N PHE A 116 13.92 -11.56 5.12
CA PHE A 116 15.24 -11.36 4.52
C PHE A 116 16.28 -11.36 5.63
N LYS A 117 17.49 -11.81 5.30
CA LYS A 117 18.59 -11.80 6.26
C LYS A 117 18.82 -10.42 6.89
N SER A 118 18.90 -10.38 8.21
N SER A 118 18.90 -10.38 8.21
CA SER A 118 19.13 -9.13 8.93
CA SER A 118 19.11 -9.11 8.91
C SER A 118 20.55 -8.63 8.67
C SER A 118 20.56 -8.63 8.78
N GLY A 119 20.75 -7.32 8.83
CA GLY A 119 22.06 -6.73 8.59
C GLY A 119 21.91 -5.38 7.91
N ASP A 120 23.00 -4.90 7.31
CA ASP A 120 23.00 -3.56 6.75
C ASP A 120 22.30 -3.43 5.39
N ASP A 121 22.23 -4.53 4.64
CA ASP A 121 21.61 -4.47 3.32
C ASP A 121 20.10 -4.57 3.38
N LEU A 122 19.42 -3.73 2.60
CA LEU A 122 17.97 -3.82 2.49
C LEU A 122 17.58 -5.00 1.60
N PHE A 123 18.43 -5.32 0.63
CA PHE A 123 18.17 -6.44 -0.26
C PHE A 123 19.33 -7.42 -0.24
N PRO A 124 19.47 -8.18 0.85
CA PRO A 124 20.62 -9.11 0.99
C PRO A 124 20.60 -10.19 -0.10
N LYS A 125 21.72 -10.36 -0.78
CA LYS A 125 21.83 -11.38 -1.82
C LYS A 125 23.13 -12.15 -1.70
N ASP A 126 23.15 -13.37 -2.21
CA ASP A 126 24.37 -14.15 -2.28
C ASP A 126 25.14 -13.84 -3.57
N ASP A 127 26.24 -14.55 -3.80
CA ASP A 127 27.07 -14.33 -4.97
C ASP A 127 26.45 -14.84 -6.28
N LYS A 128 25.12 -14.92 -6.30
CA LYS A 128 24.39 -15.26 -7.52
C LYS A 128 23.20 -14.32 -7.68
N GLY A 129 23.05 -13.40 -6.74
CA GLY A 129 21.98 -12.42 -6.78
C GLY A 129 20.67 -12.90 -6.20
N ASN A 130 20.66 -14.09 -5.62
CA ASN A 130 19.45 -14.60 -4.97
C ASN A 130 19.30 -14.03 -3.58
N ALA A 131 18.08 -13.63 -3.25
CA ALA A 131 17.77 -13.11 -1.93
C ALA A 131 18.16 -14.12 -0.86
N ILE A 132 18.72 -13.62 0.24
CA ILE A 132 19.02 -14.48 1.38
C ILE A 132 17.91 -14.35 2.42
N GLY A 133 17.26 -15.46 2.74
CA GLY A 133 16.20 -15.48 3.73
C GLY A 133 16.70 -15.18 5.13
N GLY A 134 15.78 -14.86 6.04
CA GLY A 134 16.18 -14.55 7.40
C GLY A 134 15.88 -15.65 8.42
N LYS A 135 16.19 -15.36 9.69
CA LYS A 135 15.93 -16.30 10.78
C LYS A 135 14.50 -16.17 11.29
N ALA A 136 14.06 -14.94 11.54
CA ALA A 136 12.71 -14.70 12.02
C ALA A 136 11.70 -14.75 10.87
N THR A 137 10.44 -15.07 11.19
CA THR A 137 9.38 -15.11 10.19
C THR A 137 8.38 -13.98 10.39
N PHE A 138 7.41 -13.86 9.48
CA PHE A 138 6.42 -12.80 9.63
C PHE A 138 5.54 -13.03 10.87
N LEU A 139 5.42 -14.27 11.31
CA LEU A 139 4.66 -14.57 12.53
C LEU A 139 5.42 -14.04 13.74
N ASP A 140 6.75 -14.18 13.72
CA ASP A 140 7.59 -13.58 14.75
C ASP A 140 7.45 -12.06 14.72
N ALA A 141 7.53 -11.49 13.52
CA ALA A 141 7.41 -10.04 13.38
C ALA A 141 6.07 -9.55 13.92
N TRP A 142 5.00 -10.27 13.60
CA TRP A 142 3.67 -9.84 14.01
C TRP A 142 3.57 -9.71 15.52
N GLU A 143 4.17 -10.65 16.24
CA GLU A 143 4.10 -10.67 17.69
C GLU A 143 4.74 -9.42 18.28
N ALA A 144 5.85 -9.00 17.69
CA ALA A 144 6.49 -7.76 18.10
C ALA A 144 5.65 -6.54 17.72
N MET A 145 4.97 -6.61 16.58
CA MET A 145 4.13 -5.50 16.14
C MET A 145 2.90 -5.35 17.03
N GLU A 146 2.37 -6.45 17.55
CA GLU A 146 1.22 -6.37 18.43
C GLU A 146 1.51 -5.55 19.68
N GLU A 147 2.76 -5.61 20.14
N GLU A 147 2.75 -5.62 20.15
CA GLU A 147 3.19 -4.85 21.30
CA GLU A 147 3.17 -4.84 21.30
C GLU A 147 3.01 -3.35 21.06
C GLU A 147 2.95 -3.36 21.05
N LEU A 148 3.18 -2.94 19.81
CA LEU A 148 3.04 -1.53 19.44
C LEU A 148 1.60 -1.07 19.58
N VAL A 149 0.66 -1.98 19.32
CA VAL A 149 -0.76 -1.65 19.45
C VAL A 149 -1.13 -1.55 20.94
N ASP A 150 -0.62 -2.49 21.74
CA ASP A 150 -0.87 -2.47 23.18
C ASP A 150 -0.40 -1.15 23.80
N GLU A 151 0.75 -0.65 23.33
CA GLU A 151 1.35 0.57 23.85
C GLU A 151 0.80 1.87 23.25
N GLY A 152 -0.18 1.76 22.36
CA GLY A 152 -0.82 2.93 21.77
C GLY A 152 0.00 3.63 20.71
N LEU A 153 1.02 2.95 20.18
CA LEU A 153 1.92 3.54 19.21
C LEU A 153 1.41 3.31 17.79
N VAL A 154 0.58 2.29 17.63
CA VAL A 154 0.00 1.97 16.33
C VAL A 154 -1.46 1.64 16.58
N LYS A 155 -2.35 2.17 15.75
CA LYS A 155 -3.76 1.94 15.97
C LYS A 155 -4.19 0.56 15.47
N ALA A 156 -3.58 0.12 14.37
CA ALA A 156 -4.01 -1.13 13.73
C ALA A 156 -2.86 -1.72 12.95
N LEU A 157 -2.85 -3.04 12.80
CA LEU A 157 -1.81 -3.71 12.02
C LEU A 157 -2.40 -4.22 10.71
N GLY A 158 -1.55 -4.45 9.73
CA GLY A 158 -2.04 -4.99 8.47
C GLY A 158 -0.93 -5.74 7.78
N VAL A 159 -1.25 -6.28 6.61
CA VAL A 159 -0.27 -7.05 5.87
C VAL A 159 -0.19 -6.50 4.44
N SER A 160 0.86 -6.89 3.74
CA SER A 160 1.02 -6.46 2.36
C SER A 160 1.66 -7.58 1.56
N ASN A 161 1.18 -7.78 0.33
CA ASN A 161 1.66 -8.88 -0.53
C ASN A 161 1.47 -10.26 0.12
N PHE A 162 0.40 -10.42 0.89
CA PHE A 162 0.07 -11.73 1.46
C PHE A 162 -0.92 -12.45 0.57
N SER A 163 -0.71 -13.77 0.39
CA SER A 163 -1.70 -14.62 -0.26
C SER A 163 -2.72 -15.05 0.79
N HIS A 164 -3.83 -15.65 0.35
CA HIS A 164 -4.81 -16.11 1.34
C HIS A 164 -4.22 -17.18 2.28
N PHE A 165 -3.29 -18.00 1.80
CA PHE A 165 -2.67 -19.02 2.66
C PHE A 165 -1.91 -18.35 3.81
N GLN A 166 -1.25 -17.25 3.49
CA GLN A 166 -0.47 -16.55 4.49
C GLN A 166 -1.36 -15.81 5.48
N ILE A 167 -2.46 -15.24 5.00
CA ILE A 167 -3.42 -14.64 5.92
C ILE A 167 -4.01 -15.71 6.84
N GLU A 168 -4.32 -16.88 6.28
CA GLU A 168 -4.78 -18.02 7.05
C GLU A 168 -3.82 -18.39 8.18
N LYS A 169 -2.54 -18.44 7.85
CA LYS A 169 -1.50 -18.79 8.79
C LYS A 169 -1.44 -17.74 9.90
N LEU A 170 -1.68 -16.49 9.56
CA LEU A 170 -1.67 -15.43 10.57
C LEU A 170 -2.92 -15.53 11.45
N LEU A 171 -4.08 -15.67 10.82
CA LEU A 171 -5.35 -15.73 11.54
C LEU A 171 -5.42 -16.95 12.47
N ASN A 172 -4.65 -17.98 12.15
CA ASN A 172 -4.64 -19.23 12.91
C ASN A 172 -3.55 -19.29 13.97
N LYS A 173 -2.73 -18.25 14.04
CA LYS A 173 -1.58 -18.23 14.95
C LYS A 173 -2.09 -18.30 16.38
N PRO A 174 -1.55 -19.25 17.16
CA PRO A 174 -1.93 -19.37 18.58
C PRO A 174 -1.57 -18.10 19.33
N GLY A 175 -2.48 -17.65 20.20
CA GLY A 175 -2.23 -16.46 21.00
C GLY A 175 -2.35 -15.15 20.22
N LEU A 176 -2.90 -15.23 19.01
CA LEU A 176 -3.04 -14.03 18.17
C LEU A 176 -3.79 -12.94 18.93
N LYS A 177 -3.22 -11.74 18.99
CA LYS A 177 -3.86 -10.64 19.70
C LYS A 177 -4.63 -9.72 18.78
N TYR A 178 -4.06 -9.40 17.62
CA TYR A 178 -4.66 -8.43 16.72
C TYR A 178 -4.70 -8.99 15.31
N LYS A 179 -5.81 -8.77 14.62
CA LYS A 179 -5.99 -9.25 13.26
C LYS A 179 -5.58 -8.14 12.29
N PRO A 180 -5.16 -8.53 11.06
CA PRO A 180 -4.83 -7.50 10.07
C PRO A 180 -6.09 -6.78 9.60
N VAL A 181 -6.02 -5.46 9.48
CA VAL A 181 -7.17 -4.68 9.06
C VAL A 181 -7.20 -4.47 7.54
N THR A 182 -6.05 -4.69 6.90
CA THR A 182 -5.95 -4.54 5.45
C THR A 182 -4.88 -5.48 4.90
N ASN A 183 -5.02 -5.83 3.63
CA ASN A 183 -3.98 -6.49 2.85
C ASN A 183 -3.71 -5.58 1.65
N GLN A 184 -2.53 -4.98 1.62
CA GLN A 184 -2.16 -4.07 0.54
C GLN A 184 -1.46 -4.84 -0.55
N VAL A 185 -2.08 -4.92 -1.72
CA VAL A 185 -1.53 -5.74 -2.81
C VAL A 185 -1.71 -5.00 -4.12
N GLU A 186 -0.95 -5.44 -5.12
CA GLU A 186 -1.11 -4.88 -6.45
C GLU A 186 -2.52 -5.15 -6.96
N CYS A 187 -3.16 -4.14 -7.52
CA CYS A 187 -4.49 -4.34 -8.07
C CYS A 187 -4.85 -3.27 -9.08
N HIS A 188 -5.43 -3.71 -10.19
CA HIS A 188 -5.75 -2.84 -11.32
C HIS A 188 -6.43 -3.72 -12.38
N PRO A 189 -6.89 -3.14 -13.50
CA PRO A 189 -7.64 -3.97 -14.44
C PRO A 189 -6.88 -5.14 -15.09
N TYR A 190 -5.55 -5.20 -14.98
CA TYR A 190 -4.81 -6.33 -15.54
C TYR A 190 -4.50 -7.37 -14.48
N LEU A 191 -4.82 -7.06 -13.23
CA LEU A 191 -4.62 -7.99 -12.12
C LEU A 191 -5.73 -7.68 -11.15
N THR A 192 -6.91 -8.22 -11.44
N THR A 192 -6.89 -8.24 -11.45
CA THR A 192 -8.13 -7.80 -10.74
CA THR A 192 -8.12 -7.87 -10.79
C THR A 192 -8.32 -8.41 -9.34
C THR A 192 -8.18 -8.31 -9.32
N GLN A 193 -7.55 -9.44 -9.02
CA GLN A 193 -7.54 -10.01 -7.66
C GLN A 193 -8.93 -10.46 -7.17
N GLU A 194 -9.76 -11.03 -8.03
CA GLU A 194 -11.10 -11.37 -7.59
C GLU A 194 -11.15 -12.33 -6.40
N LYS A 195 -10.40 -13.42 -6.48
CA LYS A 195 -10.44 -14.41 -5.41
C LYS A 195 -9.80 -13.88 -4.12
N LEU A 196 -8.72 -13.12 -4.23
CA LEU A 196 -8.07 -12.59 -3.03
C LEU A 196 -8.96 -11.57 -2.34
N ILE A 197 -9.61 -10.73 -3.13
CA ILE A 197 -10.48 -9.69 -2.58
C ILE A 197 -11.70 -10.34 -1.91
N GLN A 198 -12.24 -11.36 -2.58
N GLN A 198 -12.25 -11.35 -2.57
CA GLN A 198 -13.37 -12.11 -2.04
CA GLN A 198 -13.38 -12.09 -2.02
C GLN A 198 -13.00 -12.71 -0.69
C GLN A 198 -13.00 -12.72 -0.69
N TYR A 199 -11.83 -13.35 -0.65
CA TYR A 199 -11.33 -13.97 0.59
C TYR A 199 -11.12 -12.94 1.70
N CYS A 200 -10.41 -11.87 1.39
CA CYS A 200 -10.15 -10.84 2.41
C CYS A 200 -11.44 -10.28 2.99
N HIS A 201 -12.34 -9.83 2.13
CA HIS A 201 -13.58 -9.22 2.59
C HIS A 201 -14.38 -10.21 3.42
N SER A 202 -14.34 -11.48 3.04
CA SER A 202 -15.03 -12.52 3.80
C SER A 202 -14.43 -12.71 5.19
N LYS A 203 -13.19 -12.26 5.38
CA LYS A 203 -12.57 -12.32 6.71
C LYS A 203 -12.63 -10.97 7.43
N GLY A 204 -13.34 -10.01 6.83
CA GLY A 204 -13.42 -8.68 7.38
C GLY A 204 -12.10 -7.91 7.24
N ILE A 205 -11.34 -8.27 6.23
CA ILE A 205 -10.05 -7.60 5.98
C ILE A 205 -10.21 -6.75 4.73
N THR A 206 -9.87 -5.47 4.80
CA THR A 206 -9.96 -4.61 3.62
C THR A 206 -8.80 -4.91 2.68
N VAL A 207 -8.87 -4.38 1.46
CA VAL A 207 -7.79 -4.51 0.50
C VAL A 207 -7.37 -3.10 0.10
N THR A 208 -6.07 -2.86 0.06
CA THR A 208 -5.57 -1.60 -0.45
C THR A 208 -4.85 -1.92 -1.77
N ALA A 209 -5.31 -1.29 -2.85
CA ALA A 209 -4.76 -1.55 -4.18
C ALA A 209 -3.54 -0.70 -4.43
N TYR A 210 -2.39 -1.35 -4.65
CA TYR A 210 -1.21 -0.59 -5.00
C TYR A 210 -0.88 -0.65 -6.49
N SER A 211 -0.01 0.24 -6.95
CA SER A 211 0.25 0.42 -8.37
C SER A 211 -1.01 0.41 -9.23
N PRO A 212 -2.00 1.25 -8.88
CA PRO A 212 -3.28 1.18 -9.59
C PRO A 212 -3.19 1.76 -11.00
N LEU A 213 -2.15 2.55 -11.26
CA LEU A 213 -1.93 3.17 -12.57
C LEU A 213 -0.96 2.34 -13.42
N GLY A 214 -0.51 1.21 -12.86
CA GLY A 214 0.35 0.30 -13.57
C GLY A 214 1.81 0.62 -13.32
N SER A 215 2.07 1.46 -12.33
CA SER A 215 3.44 1.81 -11.94
C SER A 215 4.37 2.09 -13.13
N PRO A 216 3.98 3.01 -14.02
CA PRO A 216 4.79 3.20 -15.23
C PRO A 216 6.23 3.64 -14.95
N ASP A 217 6.49 4.17 -13.76
CA ASP A 217 7.83 4.61 -13.41
C ASP A 217 8.68 3.56 -12.69
N ARG A 218 8.18 2.33 -12.58
CA ARG A 218 8.98 1.26 -11.99
C ARG A 218 10.24 1.13 -12.87
N PRO A 219 11.41 0.96 -12.26
CA PRO A 219 12.64 0.95 -13.05
C PRO A 219 12.63 -0.10 -14.15
N TRP A 220 12.02 -1.26 -13.89
CA TRP A 220 12.11 -2.39 -14.80
C TRP A 220 11.02 -2.41 -15.87
N ALA A 221 10.26 -1.32 -16.01
CA ALA A 221 9.27 -1.25 -17.09
C ALA A 221 9.93 -1.47 -18.45
N LYS A 222 9.32 -2.32 -19.25
CA LYS A 222 9.78 -2.57 -20.62
C LYS A 222 8.71 -2.04 -21.57
N PRO A 223 9.14 -1.52 -22.73
CA PRO A 223 8.19 -0.91 -23.66
C PRO A 223 7.04 -1.84 -24.04
N GLU A 224 7.31 -3.14 -24.15
CA GLU A 224 6.28 -4.10 -24.54
C GLU A 224 5.31 -4.47 -23.41
N ASP A 225 5.64 -4.12 -22.17
CA ASP A 225 4.77 -4.37 -21.03
C ASP A 225 3.39 -3.73 -21.20
N PRO A 226 2.35 -4.38 -20.66
CA PRO A 226 1.02 -3.77 -20.65
C PRO A 226 1.09 -2.37 -20.04
N SER A 227 0.30 -1.44 -20.57
N SER A 227 0.33 -1.42 -20.58
CA SER A 227 0.29 -0.07 -20.12
CA SER A 227 0.32 -0.06 -20.06
C SER A 227 -1.14 0.41 -19.95
C SER A 227 -1.10 0.46 -19.93
N LEU A 228 -1.65 0.34 -18.72
CA LEU A 228 -3.02 0.73 -18.42
C LEU A 228 -3.35 2.16 -18.82
N LEU A 229 -2.44 3.08 -18.54
CA LEU A 229 -2.68 4.50 -18.80
C LEU A 229 -2.89 4.80 -20.28
N GLU A 230 -2.33 3.95 -21.14
N GLU A 230 -2.33 3.93 -21.12
CA GLU A 230 -2.47 4.14 -22.58
CA GLU A 230 -2.40 4.09 -22.57
C GLU A 230 -3.40 3.12 -23.22
C GLU A 230 -3.46 3.18 -23.21
N ASP A 231 -4.10 2.34 -22.39
CA ASP A 231 -5.07 1.37 -22.89
C ASP A 231 -6.26 2.08 -23.53
N PRO A 232 -6.46 1.87 -24.85
CA PRO A 232 -7.53 2.63 -25.52
C PRO A 232 -8.94 2.33 -25.00
N LYS A 233 -9.17 1.11 -24.53
CA LYS A 233 -10.47 0.76 -23.98
C LYS A 233 -10.72 1.48 -22.65
N ILE A 234 -9.66 1.67 -21.88
CA ILE A 234 -9.79 2.45 -20.65
C ILE A 234 -10.04 3.91 -21.00
N LYS A 235 -9.30 4.43 -21.98
CA LYS A 235 -9.41 5.82 -22.38
C LYS A 235 -10.80 6.12 -22.93
N GLU A 236 -11.36 5.15 -23.65
CA GLU A 236 -12.71 5.28 -24.21
C GLU A 236 -13.76 5.44 -23.11
N ILE A 237 -13.65 4.63 -22.07
CA ILE A 237 -14.54 4.76 -20.92
C ILE A 237 -14.33 6.10 -20.23
N ALA A 238 -13.06 6.51 -20.11
CA ALA A 238 -12.73 7.82 -19.56
C ALA A 238 -13.41 8.95 -20.33
N ALA A 239 -13.20 8.94 -21.64
CA ALA A 239 -13.79 9.96 -22.52
C ALA A 239 -15.29 10.13 -22.30
N LYS A 240 -16.01 9.01 -22.14
CA LYS A 240 -17.43 9.08 -21.89
C LYS A 240 -17.75 9.98 -20.70
N HIS A 241 -16.96 9.86 -19.63
CA HIS A 241 -17.22 10.61 -18.41
C HIS A 241 -16.47 11.93 -18.35
N LYS A 242 -15.77 12.26 -19.43
CA LYS A 242 -14.92 13.45 -19.50
C LYS A 242 -13.92 13.48 -18.35
N LYS A 243 -13.26 12.34 -18.16
CA LYS A 243 -12.27 12.12 -17.12
C LYS A 243 -10.99 11.60 -17.78
N THR A 244 -9.92 11.45 -17.02
CA THR A 244 -8.71 10.86 -17.60
C THR A 244 -8.70 9.36 -17.34
N ALA A 245 -7.80 8.65 -17.99
CA ALA A 245 -7.62 7.22 -17.72
C ALA A 245 -7.25 6.97 -16.25
N ALA A 246 -6.38 7.82 -15.70
CA ALA A 246 -5.95 7.67 -14.31
C ALA A 246 -7.16 7.72 -13.40
N GLN A 247 -8.07 8.64 -13.69
CA GLN A 247 -9.25 8.79 -12.87
C GLN A 247 -10.18 7.57 -12.93
N VAL A 248 -10.32 6.99 -14.11
CA VAL A 248 -11.08 5.75 -14.24
C VAL A 248 -10.39 4.60 -13.47
N LEU A 249 -9.07 4.51 -13.63
CA LEU A 249 -8.28 3.48 -12.95
C LEU A 249 -8.40 3.57 -11.43
N ILE A 250 -8.55 4.79 -10.91
CA ILE A 250 -8.68 5.02 -9.47
C ILE A 250 -10.11 4.73 -9.02
N ARG A 251 -11.07 5.26 -9.77
CA ARG A 251 -12.49 5.04 -9.48
C ARG A 251 -12.91 3.57 -9.48
N PHE A 252 -12.27 2.78 -10.35
CA PHE A 252 -12.50 1.33 -10.41
C PHE A 252 -12.43 0.64 -9.04
N HIS A 253 -11.41 0.99 -8.26
CA HIS A 253 -11.25 0.38 -6.95
C HIS A 253 -12.30 0.89 -5.97
N ILE A 254 -12.57 2.19 -6.05
CA ILE A 254 -13.54 2.82 -5.16
C ILE A 254 -14.85 2.05 -5.27
N GLN A 255 -15.25 1.71 -6.49
CA GLN A 255 -16.53 1.03 -6.68
C GLN A 255 -16.53 -0.45 -6.27
N ARG A 256 -15.36 -0.98 -5.95
CA ARG A 256 -15.28 -2.33 -5.38
C ARG A 256 -15.04 -2.29 -3.87
N ASN A 257 -15.18 -1.10 -3.29
N ASN A 257 -15.15 -1.09 -3.30
CA ASN A 257 -14.87 -0.86 -1.87
CA ASN A 257 -14.87 -0.86 -1.89
C ASN A 257 -13.43 -1.21 -1.52
C ASN A 257 -13.43 -1.19 -1.51
N VAL A 258 -12.53 -0.95 -2.46
CA VAL A 258 -11.11 -1.22 -2.26
C VAL A 258 -10.35 0.12 -2.17
N ILE A 259 -9.53 0.26 -1.12
CA ILE A 259 -8.74 1.46 -0.90
C ILE A 259 -7.70 1.54 -2.02
N VAL A 260 -7.33 2.74 -2.46
CA VAL A 260 -6.40 2.85 -3.58
C VAL A 260 -5.41 3.99 -3.36
N ILE A 261 -4.16 3.78 -3.74
CA ILE A 261 -3.11 4.73 -3.36
C ILE A 261 -2.19 5.17 -4.51
N PRO A 262 -2.75 5.91 -5.48
CA PRO A 262 -1.92 6.36 -6.60
C PRO A 262 -0.79 7.28 -6.17
N LYS A 263 0.37 7.10 -6.78
CA LYS A 263 1.53 7.93 -6.46
C LYS A 263 1.70 9.02 -7.52
N SER A 264 1.99 10.23 -7.07
CA SER A 264 2.42 11.29 -7.99
C SER A 264 3.22 12.31 -7.20
N VAL A 265 4.21 12.90 -7.86
CA VAL A 265 4.89 14.08 -7.32
C VAL A 265 4.60 15.29 -8.20
N THR A 266 3.75 15.11 -9.21
CA THR A 266 3.31 16.21 -10.07
C THR A 266 2.08 16.85 -9.46
N PRO A 267 2.17 18.14 -9.06
CA PRO A 267 1.02 18.77 -8.41
C PRO A 267 -0.32 18.62 -9.17
N ALA A 268 -0.34 18.86 -10.48
CA ALA A 268 -1.61 18.78 -11.23
C ALA A 268 -2.20 17.37 -11.21
N ARG A 269 -1.31 16.38 -11.21
CA ARG A 269 -1.76 15.00 -11.20
C ARG A 269 -2.25 14.58 -9.81
N ILE A 270 -1.54 15.01 -8.78
CA ILE A 270 -1.97 14.78 -7.40
C ILE A 270 -3.42 15.28 -7.24
N VAL A 271 -3.69 16.48 -7.75
CA VAL A 271 -5.04 17.01 -7.67
C VAL A 271 -6.01 16.22 -8.53
N GLU A 272 -5.56 15.84 -9.73
CA GLU A 272 -6.40 15.11 -10.67
C GLU A 272 -6.84 13.77 -10.08
N ASN A 273 -5.89 13.11 -9.41
CA ASN A 273 -6.08 11.77 -8.89
C ASN A 273 -7.13 11.67 -7.79
N ILE A 274 -7.50 12.81 -7.18
CA ILE A 274 -8.53 12.76 -6.14
C ILE A 274 -9.88 13.36 -6.59
N GLN A 275 -9.94 13.85 -7.82
N GLN A 275 -9.94 13.84 -7.82
CA GLN A 275 -11.22 14.25 -8.41
CA GLN A 275 -11.20 14.25 -8.42
C GLN A 275 -11.92 13.01 -8.92
C GLN A 275 -11.94 13.02 -8.92
N VAL A 276 -12.27 12.12 -8.01
CA VAL A 276 -12.88 10.85 -8.40
C VAL A 276 -14.15 10.53 -7.65
N PHE A 277 -14.74 11.54 -7.01
CA PHE A 277 -15.98 11.31 -6.27
C PHE A 277 -17.15 12.05 -6.91
N ASP A 278 -16.96 12.48 -8.14
CA ASP A 278 -17.97 13.27 -8.84
C ASP A 278 -18.46 12.60 -10.12
N PHE A 279 -18.14 11.32 -10.28
CA PHE A 279 -18.69 10.51 -11.37
C PHE A 279 -18.86 9.06 -10.93
N LYS A 280 -19.48 8.25 -11.79
CA LYS A 280 -19.75 6.86 -11.46
C LYS A 280 -19.65 5.98 -12.69
N LEU A 281 -18.81 4.96 -12.61
CA LEU A 281 -18.73 3.97 -13.67
C LEU A 281 -19.99 3.13 -13.63
N SER A 282 -20.64 2.97 -14.78
CA SER A 282 -21.85 2.17 -14.89
C SER A 282 -21.54 0.72 -14.59
N ASP A 283 -22.57 -0.07 -14.34
CA ASP A 283 -22.39 -1.49 -14.08
C ASP A 283 -21.70 -2.14 -15.27
N GLU A 284 -22.14 -1.77 -16.47
CA GLU A 284 -21.57 -2.30 -17.70
C GLU A 284 -20.09 -1.94 -17.81
N GLU A 285 -19.75 -0.72 -17.43
CA GLU A 285 -18.37 -0.26 -17.49
C GLU A 285 -17.49 -1.00 -16.51
N MET A 286 -18.00 -1.25 -15.31
CA MET A 286 -17.25 -2.02 -14.32
C MET A 286 -17.00 -3.44 -14.82
N ALA A 287 -18.01 -4.03 -15.44
CA ALA A 287 -17.87 -5.38 -15.96
C ALA A 287 -16.85 -5.44 -17.10
N THR A 288 -16.88 -4.46 -17.99
CA THR A 288 -15.89 -4.37 -19.05
C THR A 288 -14.47 -4.28 -18.49
N ILE A 289 -14.27 -3.39 -17.52
CA ILE A 289 -12.95 -3.19 -16.92
C ILE A 289 -12.49 -4.47 -16.20
N LEU A 290 -13.38 -5.07 -15.40
CA LEU A 290 -13.10 -6.35 -14.76
C LEU A 290 -12.64 -7.41 -15.76
N SER A 291 -13.20 -7.35 -16.97
CA SER A 291 -12.89 -8.34 -18.01
C SER A 291 -11.49 -8.20 -18.58
N PHE A 292 -10.79 -7.13 -18.22
CA PHE A 292 -9.45 -6.89 -18.74
C PHE A 292 -8.35 -7.66 -18.00
N ASN A 293 -8.73 -8.42 -16.97
CA ASN A 293 -7.74 -9.13 -16.16
C ASN A 293 -6.78 -9.95 -17.01
N ARG A 294 -5.47 -9.78 -16.80
CA ARG A 294 -4.49 -10.53 -17.56
C ARG A 294 -3.60 -11.32 -16.64
N ASN A 295 -3.90 -11.26 -15.34
N ASN A 295 -3.91 -11.26 -15.34
CA ASN A 295 -3.03 -11.82 -14.31
CA ASN A 295 -3.03 -11.82 -14.31
C ASN A 295 -1.60 -11.31 -14.47
C ASN A 295 -1.61 -11.30 -14.46
N TRP A 296 -1.47 -10.01 -14.76
CA TRP A 296 -0.15 -9.41 -14.96
C TRP A 296 0.28 -8.59 -13.74
N ARG A 297 1.44 -8.92 -13.17
CA ARG A 297 2.01 -8.18 -12.05
C ARG A 297 3.15 -7.29 -12.49
N ALA A 298 3.06 -6.00 -12.16
CA ALA A 298 4.18 -5.09 -12.39
C ALA A 298 5.22 -5.30 -11.31
N CYS A 299 4.78 -5.75 -10.13
CA CYS A 299 5.66 -5.95 -8.98
C CYS A 299 5.71 -7.43 -8.59
N ASN A 300 6.67 -8.16 -9.14
N ASN A 300 6.66 -8.18 -9.15
CA ASN A 300 6.77 -9.61 -8.96
CA ASN A 300 6.71 -9.62 -8.89
C ASN A 300 7.79 -10.06 -7.92
C ASN A 300 7.80 -10.08 -7.92
N LEU A 301 8.79 -9.22 -7.69
CA LEU A 301 9.95 -9.54 -6.83
C LEU A 301 10.52 -10.96 -7.05
N LEU A 302 10.63 -11.37 -8.31
CA LEU A 302 11.05 -12.73 -8.69
C LEU A 302 12.36 -13.16 -8.05
N GLN A 303 13.21 -12.18 -7.74
N GLN A 303 13.20 -12.18 -7.73
CA GLN A 303 14.48 -12.43 -7.08
CA GLN A 303 14.47 -12.39 -7.05
C GLN A 303 14.34 -13.21 -5.76
C GLN A 303 14.32 -13.21 -5.78
N SER A 304 13.15 -13.13 -5.15
CA SER A 304 12.92 -13.80 -3.88
C SER A 304 11.99 -15.02 -3.99
N SER A 305 11.75 -15.48 -5.22
CA SER A 305 10.78 -16.54 -5.47
C SER A 305 11.12 -17.90 -4.87
N HIS A 306 12.35 -18.05 -4.39
N HIS A 306 12.35 -18.07 -4.39
CA HIS A 306 12.80 -19.32 -3.81
CA HIS A 306 12.77 -19.35 -3.82
C HIS A 306 12.52 -19.41 -2.30
C HIS A 306 12.64 -19.39 -2.28
N LEU A 307 12.23 -18.28 -1.69
CA LEU A 307 12.04 -18.21 -0.24
C LEU A 307 10.74 -18.87 0.18
N GLU A 308 10.73 -19.45 1.38
CA GLU A 308 9.56 -20.21 1.86
C GLU A 308 8.24 -19.47 1.71
N ASP A 309 8.20 -18.21 2.13
CA ASP A 309 6.92 -17.52 2.12
C ASP A 309 6.77 -16.53 0.96
N TYR A 310 7.43 -16.80 -0.15
CA TYR A 310 7.17 -16.04 -1.38
C TYR A 310 5.68 -16.18 -1.71
N PRO A 311 4.99 -15.05 -1.88
CA PRO A 311 3.52 -15.10 -1.91
C PRO A 311 2.87 -15.45 -3.24
N PHE A 312 3.59 -15.30 -4.34
CA PHE A 312 2.95 -15.32 -5.67
C PHE A 312 3.02 -16.67 -6.38
N ASN A 313 3.46 -17.71 -5.70
CA ASN A 313 3.31 -19.07 -6.21
C ASN A 313 1.90 -19.60 -6.00
N ALA A 314 1.25 -19.13 -4.92
CA ALA A 314 -0.13 -19.51 -4.65
C ALA A 314 -1.05 -18.94 -5.72
N GLU A 315 -2.18 -19.59 -5.95
CA GLU A 315 -3.16 -19.10 -6.92
C GLU A 315 -3.66 -17.73 -6.50
N TYR A 316 -3.96 -17.59 -5.21
CA TYR A 316 -4.36 -16.31 -4.64
C TYR A 316 -4.11 -16.36 -3.14
PA NAP B . 1.24 4.00 -9.59
O1A NAP B . 0.40 2.97 -10.32
O2A NAP B . 0.67 4.85 -8.51
O5B NAP B . 1.82 4.99 -10.73
C5B NAP B . 2.75 6.04 -10.40
C4B NAP B . 3.18 6.69 -11.72
O4B NAP B . 2.04 7.23 -12.40
C3B NAP B . 4.15 7.84 -11.55
O3B NAP B . 5.14 7.69 -12.59
C2B NAP B . 3.34 9.10 -11.79
O2B NAP B . 4.13 10.14 -12.38
C1B NAP B . 2.27 8.61 -12.75
N9A NAP B . 0.98 9.29 -12.59
C8A NAP B . 0.37 9.55 -11.42
N7A NAP B . -0.80 10.16 -11.68
C5A NAP B . -0.94 10.27 -13.03
C6A NAP B . -1.91 10.82 -13.85
N6A NAP B . -3.04 11.38 -13.31
N1A NAP B . -1.74 10.81 -15.19
C2A NAP B . -0.63 10.26 -15.72
N3A NAP B . 0.34 9.72 -14.95
C4A NAP B . 0.21 9.73 -13.59
O3 NAP B . 2.64 3.34 -9.13
PN NAP B . 3.25 2.87 -7.71
O1N NAP B . 4.08 3.98 -7.10
O2N NAP B . 3.93 1.54 -7.96
O5D NAP B . 1.99 2.53 -6.78
C5D NAP B . 1.37 3.52 -5.94
C4D NAP B . 1.83 3.38 -4.48
O4D NAP B . 1.50 2.08 -3.97
C3D NAP B . 3.34 3.44 -4.28
O3D NAP B . 3.89 4.75 -4.41
C2D NAP B . 3.45 2.84 -2.89
O2D NAP B . 2.99 3.82 -1.95
C1D NAP B . 2.45 1.70 -2.97
N1N NAP B . 3.11 0.42 -3.34
C2N NAP B . 3.24 -0.54 -2.41
C3N NAP B . 3.87 -1.75 -2.72
C7N NAP B . 3.99 -2.83 -1.69
O7N NAP B . 4.75 -3.77 -1.87
N7N NAP B . 3.17 -2.78 -0.63
C4N NAP B . 4.35 -1.97 -4.00
C5N NAP B . 4.20 -0.97 -4.94
C6N NAP B . 3.57 0.22 -4.58
P2B NAP B . 4.60 11.43 -11.53
O1X NAP B . 4.80 10.93 -10.11
O2X NAP B . 5.88 11.84 -12.20
O3X NAP B . 3.45 12.42 -11.64
C1 SBI C . 11.85 -0.42 -3.24
F1 SBI C . 12.30 0.59 -2.45
C2 SBI C . 12.73 -1.05 -4.10
C3 SBI C . 12.28 -2.09 -4.92
C4 SBI C . 10.94 -2.47 -4.89
O1 SBI C . 10.49 -3.37 -5.80
C5 SBI C . 9.38 -4.19 -5.44
C6 SBI C . 8.21 -3.30 -5.03
C7 SBI C . 8.58 -2.21 -4.00
C9 SBI C . 8.15 -2.54 -2.59
O3 SBI C . 8.64 -3.70 -1.89
N2 SBI C . 7.28 -1.68 -2.04
C8 SBI C . 7.14 -0.80 -3.06
O2 SBI C . 6.25 0.37 -2.92
N1 SBI C . 7.80 -1.01 -4.22
C10 SBI C . 10.05 -1.83 -4.04
C11 SBI C . 10.51 -0.81 -3.20
#